data_4HMP
#
_entry.id   4HMP
#
_cell.length_a   76.037
_cell.length_b   86.299
_cell.length_c   93.532
_cell.angle_alpha   90.00
_cell.angle_beta   90.00
_cell.angle_gamma   90.00
#
_symmetry.space_group_name_H-M   'P 21 21 21'
#
loop_
_entity.id
_entity.type
_entity.pdbx_description
1 polymer 'Iron-compound ABC transporter, iron compound-binding protein'
2 non-polymer 'CADMIUM ION'
3 non-polymer 'TETRAETHYLENE GLYCOL'
4 non-polymer GLYCEROL
5 non-polymer 1,2-ETHANEDIOL
6 water water
#
_entity_poly.entity_id   1
_entity_poly.type   'polypeptide(L)'
_entity_poly.pdbx_seq_one_letter_code
;(MSE)GHHHHHH(MSE)NSVKNEENTSKEHAPDKIVLDHAFGQTILDKKPERVATIAWGNHDVALALGIVPVGFSKANYG
VSADKGVLPWTEEKIKELNGKANLFDDLDGLNFEAISNSKPDVILAGYSGITKEDYDTLSKIAPVAAYKSKPWQTLWRD
(MSE)IKIDSKALG(MSE)EKEGDELIKNTEARISKELEKHPEIKGKIKGKKVLFT(MSE)INAADTSKFWIYTSKDPRA
NYLTDLGLVFPESLKEFESEDSFAKEISAEEANKINDADVIITYGDDKTLEALQKDPLLGKINAIKNGAVAVIPDNTPLA
ASCTPTPLSINYTIEEYLNLLGNACKNAK
;
_entity_poly.pdbx_strand_id   A,B
#
loop_
_chem_comp.id
_chem_comp.type
_chem_comp.name
_chem_comp.formula
CD non-polymer 'CADMIUM ION' 'Cd 2'
EDO non-polymer 1,2-ETHANEDIOL 'C2 H6 O2'
GOL non-polymer GLYCEROL 'C3 H8 O3'
PG4 non-polymer 'TETRAETHYLENE GLYCOL' 'C8 H18 O5'
#
# COMPACT_ATOMS: atom_id res chain seq x y z
N ILE A 27 10.76 26.11 33.85
CA ILE A 27 10.17 25.21 32.82
C ILE A 27 9.06 24.33 33.37
N VAL A 28 7.91 24.40 32.72
CA VAL A 28 6.77 23.54 33.05
C VAL A 28 6.70 22.42 32.01
N LEU A 29 6.53 21.19 32.47
CA LEU A 29 6.40 20.05 31.58
C LEU A 29 5.19 19.19 31.94
N ASP A 30 4.29 19.02 30.98
CA ASP A 30 3.12 18.17 31.16
C ASP A 30 3.42 16.74 30.70
N HIS A 31 3.02 15.76 31.50
CA HIS A 31 3.23 14.36 31.18
C HIS A 31 2.17 13.47 31.81
N ALA A 32 2.29 12.16 31.60
CA ALA A 32 1.28 11.19 32.01
C ALA A 32 0.92 11.24 33.49
N PHE A 33 1.78 11.84 34.31
CA PHE A 33 1.57 11.85 35.75
C PHE A 33 1.26 13.24 36.30
N GLY A 34 1.16 14.22 35.42
CA GLY A 34 0.85 15.59 35.81
C GLY A 34 1.85 16.61 35.30
N GLN A 35 2.20 17.56 36.16
CA GLN A 35 3.13 18.63 35.81
C GLN A 35 4.43 18.54 36.59
N THR A 36 5.51 18.98 35.96
CA THR A 36 6.84 18.99 36.60
C THR A 36 7.53 20.34 36.43
N ILE A 37 7.78 21.01 37.54
CA ILE A 37 8.56 22.23 37.55
C ILE A 37 10.04 21.85 37.40
N LEU A 38 10.66 22.18 36.28
CA LEU A 38 12.04 21.79 36.05
C LEU A 38 12.98 22.96 36.10
N ASP A 39 14.24 22.66 36.36
CA ASP A 39 15.33 23.61 36.35
C ASP A 39 15.65 23.99 34.91
N LYS A 40 15.66 25.30 34.64
CA LYS A 40 15.90 25.81 33.29
C LYS A 40 17.32 25.48 32.83
N LYS A 41 18.27 25.54 33.76
CA LYS A 41 19.65 25.19 33.48
C LYS A 41 20.12 24.04 34.37
N PRO A 42 19.77 22.80 34.02
CA PRO A 42 20.21 21.66 34.82
C PRO A 42 21.71 21.41 34.67
N GLU A 43 22.47 21.68 35.73
CA GLU A 43 23.92 21.48 35.70
C GLU A 43 24.28 20.00 35.81
N ARG A 44 23.37 19.20 36.36
CA ARG A 44 23.58 17.77 36.49
C ARG A 44 22.39 16.98 35.94
N VAL A 45 22.66 16.13 34.95
CA VAL A 45 21.61 15.41 34.25
C VAL A 45 21.75 13.90 34.41
N ALA A 46 20.66 13.26 34.83
CA ALA A 46 20.60 11.81 34.86
C ALA A 46 19.52 11.33 33.88
N THR A 47 19.74 10.16 33.30
CA THR A 47 18.76 9.55 32.41
C THR A 47 18.53 8.10 32.80
N ILE A 48 17.33 7.60 32.51
CA ILE A 48 17.01 6.20 32.75
C ILE A 48 16.39 5.57 31.51
N ALA A 49 16.23 4.24 31.54
CA ALA A 49 15.64 3.48 30.43
C ALA A 49 16.48 3.57 29.15
N TRP A 50 15.85 3.29 28.01
CA TRP A 50 16.57 3.27 26.74
C TRP A 50 16.56 4.61 26.04
N GLY A 51 17.67 4.93 25.39
CA GLY A 51 17.75 6.07 24.47
C GLY A 51 17.90 7.46 25.06
N ASN A 52 17.31 7.67 26.23
CA ASN A 52 17.26 9.00 26.85
C ASN A 52 18.62 9.68 27.00
N HIS A 53 19.65 8.89 27.29
CA HIS A 53 21.02 9.41 27.40
C HIS A 53 21.58 9.88 26.08
N ASP A 54 21.19 9.23 24.99
CA ASP A 54 21.64 9.60 23.66
C ASP A 54 21.11 10.96 23.22
N VAL A 55 19.93 11.31 23.68
CA VAL A 55 19.30 12.58 23.41
C VAL A 55 20.07 13.68 24.06
N ALA A 56 20.39 13.52 25.33
CA ALA A 56 21.22 14.46 26.09
C ALA A 56 22.60 14.58 25.44
N LEU A 57 23.22 13.44 25.16
CA LEU A 57 24.54 13.40 24.56
C LEU A 57 24.58 14.09 23.19
N ALA A 58 23.56 13.84 22.37
CA ALA A 58 23.45 14.47 21.06
C ALA A 58 23.32 15.99 21.19
N LEU A 59 22.96 16.44 22.38
CA LEU A 59 22.80 17.86 22.67
C LEU A 59 24.01 18.45 23.41
N GLY A 60 25.09 17.68 23.49
CA GLY A 60 26.34 18.15 24.10
C GLY A 60 26.39 17.96 25.61
N ILE A 61 25.40 17.26 26.15
CA ILE A 61 25.38 17.06 27.59
C ILE A 61 25.78 15.64 27.97
N VAL A 62 26.85 15.55 28.75
CA VAL A 62 27.30 14.28 29.31
C VAL A 62 26.55 14.06 30.63
N PRO A 63 25.77 12.97 30.70
CA PRO A 63 25.02 12.67 31.92
C PRO A 63 25.94 12.37 33.10
N VAL A 64 25.51 12.69 34.31
CA VAL A 64 26.23 12.32 35.51
C VAL A 64 25.98 10.84 35.80
N GLY A 65 25.05 10.26 35.06
CA GLY A 65 24.72 8.86 35.16
C GLY A 65 23.56 8.49 34.25
N PHE A 66 23.69 7.37 33.56
CA PHE A 66 22.62 6.85 32.72
C PHE A 66 22.53 5.32 32.82
N SER A 67 21.37 4.78 32.44
CA SER A 67 21.09 3.36 32.58
C SER A 67 22.04 2.45 31.81
N LYS A 68 22.59 1.49 32.50
CA LYS A 68 23.49 0.53 31.90
C LYS A 68 22.70 -0.35 30.96
N ALA A 69 23.23 -0.50 29.76
CA ALA A 69 22.66 -1.33 28.73
C ALA A 69 23.04 -2.80 28.86
N ASN A 70 22.17 -3.70 28.41
CA ASN A 70 22.45 -5.14 28.46
C ASN A 70 23.64 -5.53 27.64
N GLY A 78 28.74 -1.44 29.47
CA GLY A 78 27.32 -1.46 29.22
C GLY A 78 26.93 -0.26 28.42
N VAL A 79 27.76 0.02 27.44
CA VAL A 79 27.64 1.18 26.59
C VAL A 79 27.73 0.76 25.13
N LEU A 80 26.80 1.23 24.31
CA LEU A 80 26.80 0.98 22.88
C LEU A 80 27.87 1.79 22.22
N PRO A 81 28.39 1.33 21.08
CA PRO A 81 29.44 2.02 20.34
C PRO A 81 29.20 3.51 20.11
N TRP A 82 28.01 3.88 19.64
CA TRP A 82 27.70 5.27 19.31
C TRP A 82 27.57 6.17 20.53
N THR A 83 27.10 5.60 21.63
CA THR A 83 26.99 6.33 22.90
C THR A 83 28.38 6.63 23.45
N GLU A 84 29.28 5.67 23.33
CA GLU A 84 30.68 5.82 23.73
C GLU A 84 31.38 6.87 22.87
N GLU A 85 31.11 6.82 21.57
CA GLU A 85 31.74 7.73 20.60
C GLU A 85 31.44 9.19 20.93
N LYS A 86 30.20 9.46 21.35
CA LYS A 86 29.79 10.82 21.68
C LYS A 86 30.35 11.26 23.03
N ILE A 87 30.39 10.34 23.99
CA ILE A 87 31.01 10.61 25.29
C ILE A 87 32.47 11.01 25.14
N LYS A 88 33.20 10.27 24.30
CA LYS A 88 34.59 10.61 23.99
C LYS A 88 34.72 11.99 23.34
N GLU A 89 33.81 12.29 22.42
CA GLU A 89 33.83 13.55 21.67
C GLU A 89 33.48 14.74 22.54
N LEU A 90 32.89 14.49 23.69
CA LEU A 90 32.56 15.55 24.64
C LEU A 90 33.53 15.55 25.83
N ASN A 91 34.58 14.73 25.72
CA ASN A 91 35.64 14.62 26.73
C ASN A 91 35.16 14.07 28.08
N GLY A 92 34.06 13.32 28.05
CA GLY A 92 33.49 12.76 29.27
C GLY A 92 33.85 11.31 29.50
N LYS A 93 33.34 10.77 30.60
CA LYS A 93 33.42 9.34 30.88
C LYS A 93 32.00 8.82 31.04
N ALA A 94 31.80 7.52 30.93
CA ALA A 94 30.48 6.99 31.09
C ALA A 94 30.23 6.60 32.52
N ASN A 95 29.25 7.23 33.17
CA ASN A 95 28.85 6.77 34.49
C ASN A 95 27.54 6.05 34.41
N LEU A 96 27.50 4.83 34.90
CA LEU A 96 26.36 3.96 34.69
C LEU A 96 25.59 3.61 35.92
N PHE A 97 24.26 3.70 35.81
CA PHE A 97 23.37 3.17 36.84
C PHE A 97 23.21 1.68 36.59
N ASP A 98 23.22 0.90 37.65
CA ASP A 98 23.05 -0.55 37.53
C ASP A 98 21.57 -0.92 37.36
N ASP A 99 20.99 -0.49 36.25
CA ASP A 99 19.59 -0.76 35.94
C ASP A 99 19.44 -1.96 35.03
N LEU A 100 19.46 -3.15 35.62
CA LEU A 100 19.22 -4.38 34.88
C LEU A 100 18.08 -5.15 35.54
N ASP A 101 18.25 -5.41 36.83
CA ASP A 101 17.20 -6.06 37.61
C ASP A 101 16.06 -5.09 37.96
N GLY A 102 16.26 -3.81 37.64
CA GLY A 102 15.27 -2.77 37.92
C GLY A 102 15.91 -1.42 38.14
N LEU A 103 15.10 -0.42 38.46
CA LEU A 103 15.59 0.93 38.75
C LEU A 103 16.44 0.95 40.02
N ASN A 104 17.62 1.54 39.90
CA ASN A 104 18.52 1.67 41.03
C ASN A 104 18.35 3.03 41.65
N PHE A 105 17.45 3.12 42.62
CA PHE A 105 17.10 4.40 43.24
C PHE A 105 18.26 5.04 44.02
N GLU A 106 19.10 4.20 44.63
CA GLU A 106 20.28 4.70 45.34
C GLU A 106 21.33 5.26 44.38
N ALA A 107 21.52 4.60 43.24
CA ALA A 107 22.50 5.04 42.25
C ALA A 107 22.12 6.39 41.65
N ILE A 108 20.86 6.51 41.21
CA ILE A 108 20.36 7.76 40.66
C ILE A 108 20.48 8.89 41.67
N SER A 109 20.14 8.59 42.91
CA SER A 109 20.26 9.56 44.01
C SER A 109 21.71 9.97 44.24
N ASN A 110 22.62 8.99 44.21
CA ASN A 110 24.04 9.23 44.45
C ASN A 110 24.70 10.11 43.39
N SER A 111 24.16 10.11 42.18
CA SER A 111 24.70 10.93 41.10
C SER A 111 24.29 12.40 41.26
N LYS A 112 23.33 12.64 42.15
CA LYS A 112 22.84 13.99 42.45
C LYS A 112 22.42 14.77 41.21
N PRO A 113 21.32 14.35 40.57
CA PRO A 113 20.88 15.06 39.36
C PRO A 113 19.96 16.24 39.67
N ASP A 114 19.91 17.19 38.74
CA ASP A 114 18.94 18.28 38.81
C ASP A 114 17.71 17.92 38.00
N VAL A 115 17.85 16.92 37.14
CA VAL A 115 16.77 16.45 36.30
C VAL A 115 16.97 14.97 35.94
N ILE A 116 15.87 14.24 35.89
CA ILE A 116 15.89 12.83 35.47
C ILE A 116 15.11 12.71 34.16
N LEU A 117 15.84 12.39 33.08
CA LEU A 117 15.22 12.24 31.76
C LEU A 117 14.62 10.85 31.58
N ALA A 118 13.32 10.79 31.31
CA ALA A 118 12.63 9.53 31.17
C ALA A 118 11.54 9.58 30.09
N GLY A 119 11.72 10.47 29.12
CA GLY A 119 10.76 10.66 28.03
C GLY A 119 10.36 9.38 27.35
N TYR A 120 11.31 8.47 27.22
CA TYR A 120 11.02 7.12 26.77
C TYR A 120 11.40 6.14 27.88
N SER A 121 10.38 5.60 28.55
CA SER A 121 10.58 4.70 29.68
C SER A 121 9.31 3.92 29.98
N GLY A 122 9.42 2.93 30.85
CA GLY A 122 8.28 2.15 31.29
C GLY A 122 7.93 2.37 32.75
N ILE A 123 8.14 3.60 33.24
CA ILE A 123 7.93 3.90 34.65
C ILE A 123 6.45 3.84 35.06
N THR A 124 6.21 3.37 36.27
CA THR A 124 4.88 3.33 36.84
C THR A 124 4.64 4.60 37.65
N LYS A 125 3.42 4.76 38.14
CA LYS A 125 3.06 5.93 38.96
C LYS A 125 3.96 6.01 40.20
N GLU A 126 4.27 4.86 40.78
CA GLU A 126 5.11 4.81 41.97
C GLU A 126 6.58 5.09 41.67
N ASP A 127 7.03 4.65 40.50
CA ASP A 127 8.37 4.97 40.01
C ASP A 127 8.55 6.47 39.93
N TYR A 128 7.60 7.13 39.28
CA TYR A 128 7.61 8.58 39.15
C TYR A 128 7.69 9.28 40.50
N ASP A 129 6.86 8.82 41.45
CA ASP A 129 6.83 9.39 42.80
C ASP A 129 8.14 9.18 43.55
N THR A 130 8.68 7.97 43.49
CA THR A 130 9.95 7.66 44.14
C THR A 130 11.07 8.51 43.55
N LEU A 131 11.13 8.54 42.21
CA LEU A 131 12.11 9.34 41.49
C LEU A 131 11.96 10.85 41.76
N SER A 132 10.72 11.31 41.91
CA SER A 132 10.43 12.73 42.14
C SER A 132 10.98 13.25 43.47
N LYS A 133 11.25 12.33 44.40
CA LYS A 133 11.86 12.69 45.69
C LYS A 133 13.34 13.02 45.51
N ILE A 134 13.91 12.60 44.39
CA ILE A 134 15.32 12.88 44.09
C ILE A 134 15.47 14.16 43.26
N ALA A 135 14.74 14.21 42.16
CA ALA A 135 14.81 15.35 41.24
C ALA A 135 13.61 15.34 40.28
N PRO A 136 13.30 16.51 39.68
CA PRO A 136 12.23 16.58 38.69
C PRO A 136 12.43 15.55 37.57
N VAL A 137 11.35 14.87 37.21
CA VAL A 137 11.41 13.78 36.25
C VAL A 137 10.67 14.14 34.96
N ALA A 138 11.35 13.94 33.84
CA ALA A 138 10.72 14.10 32.53
C ALA A 138 10.15 12.76 32.07
N ALA A 139 8.89 12.51 32.42
CA ALA A 139 8.25 11.25 32.08
C ALA A 139 7.68 11.27 30.66
N TYR A 140 7.26 10.10 30.18
CA TYR A 140 6.58 9.99 28.90
C TYR A 140 5.22 10.71 28.94
N LYS A 141 4.64 10.96 27.78
CA LYS A 141 3.38 11.71 27.70
C LYS A 141 2.14 10.84 27.92
N SER A 142 2.12 9.64 27.35
CA SER A 142 0.92 8.79 27.42
C SER A 142 1.11 7.52 28.24
N LYS A 143 1.54 6.45 27.59
CA LYS A 143 1.66 5.14 28.24
C LYS A 143 3.10 4.59 28.17
N PRO A 144 3.45 3.69 29.10
CA PRO A 144 4.82 3.15 29.19
C PRO A 144 5.34 2.60 27.86
N TRP A 145 6.62 2.85 27.59
CA TRP A 145 7.32 2.32 26.42
C TRP A 145 6.70 2.73 25.10
N GLN A 146 5.82 3.74 25.13
CA GLN A 146 5.17 4.23 23.92
C GLN A 146 5.55 5.68 23.65
N THR A 147 6.80 5.88 23.24
CA THR A 147 7.30 7.18 22.86
C THR A 147 8.14 7.03 21.59
N LEU A 148 7.70 7.69 20.53
CA LEU A 148 8.44 7.67 19.27
C LEU A 148 9.71 8.50 19.43
N TRP A 149 10.72 8.19 18.62
CA TRP A 149 12.03 8.84 18.76
C TRP A 149 12.00 10.35 18.64
N ARG A 150 11.02 10.86 17.91
CA ARG A 150 10.83 12.32 17.79
C ARG A 150 10.29 12.92 19.09
N ASP A 151 9.34 12.23 19.71
CA ASP A 151 8.78 12.66 20.99
C ASP A 151 9.81 12.54 22.11
N MSE A 152 10.69 11.56 22.01
CA MSE A 152 11.71 11.35 22.99
C MSE A 152 12.65 12.53 23.05
O MSE A 152 12.96 13.03 24.09
CB MSE A 152 12.42 10.07 22.70
CG MSE A 152 13.29 9.55 23.77
SE MSE A 152 14.55 8.29 23.27
CE MSE A 152 15.14 9.00 21.72
N ILE A 153 13.03 13.00 21.90
CA ILE A 153 13.81 14.23 21.80
C ILE A 153 13.02 15.41 22.34
N LYS A 154 11.78 15.57 21.87
CA LYS A 154 10.91 16.67 22.29
C LYS A 154 10.84 16.83 23.80
N ILE A 155 10.57 15.73 24.50
CA ILE A 155 10.44 15.74 25.96
C ILE A 155 11.78 15.93 26.66
N ASP A 156 12.80 15.14 26.25
CA ASP A 156 14.12 15.19 26.87
C ASP A 156 14.83 16.53 26.67
N SER A 157 14.72 17.11 25.48
CA SER A 157 15.35 18.40 25.20
C SER A 157 14.66 19.54 25.96
N LYS A 158 13.33 19.49 26.03
CA LYS A 158 12.58 20.50 26.76
C LYS A 158 12.97 20.47 28.23
N ALA A 159 13.16 19.26 28.75
CA ALA A 159 13.55 19.07 30.14
C ALA A 159 14.98 19.53 30.43
N LEU A 160 15.73 19.84 29.38
CA LEU A 160 17.10 20.31 29.52
C LEU A 160 17.21 21.81 29.23
N GLY A 161 16.07 22.44 28.95
CA GLY A 161 16.06 23.86 28.59
C GLY A 161 16.59 24.08 27.19
N MSE A 162 16.43 23.09 26.34
CA MSE A 162 16.83 23.18 24.97
C MSE A 162 15.81 22.67 23.99
O MSE A 162 16.06 21.85 23.19
CB MSE A 162 18.08 22.40 24.84
CG MSE A 162 19.19 22.97 25.61
SE MSE A 162 20.68 21.90 25.54
CE MSE A 162 21.56 22.60 24.11
N GLU A 163 14.64 23.22 24.04
CA GLU A 163 13.54 22.80 23.19
C GLU A 163 13.77 23.18 21.73
N LYS A 164 14.31 24.38 21.50
CA LYS A 164 14.65 24.84 20.15
C LYS A 164 15.75 23.96 19.55
N GLU A 165 16.76 23.63 20.36
CA GLU A 165 17.82 22.72 19.93
C GLU A 165 17.29 21.31 19.67
N GLY A 166 16.17 20.98 20.32
CA GLY A 166 15.49 19.72 20.10
C GLY A 166 14.91 19.65 18.70
N ASP A 167 14.39 20.79 18.25
CA ASP A 167 13.88 20.92 16.88
C ASP A 167 14.98 20.66 15.86
N GLU A 168 16.14 21.28 16.08
CA GLU A 168 17.28 21.13 15.19
C GLU A 168 17.78 19.69 15.16
N LEU A 169 17.84 19.05 16.33
CA LEU A 169 18.26 17.67 16.42
C LEU A 169 17.33 16.76 15.64
N ILE A 170 16.03 17.02 15.74
CA ILE A 170 15.03 16.26 14.98
C ILE A 170 15.22 16.49 13.48
N LYS A 171 15.43 17.75 13.10
CA LYS A 171 15.61 18.11 11.69
C LYS A 171 16.89 17.50 11.12
N ASN A 172 17.98 17.60 11.87
CA ASN A 172 19.25 17.00 11.46
C ASN A 172 19.15 15.48 11.32
N THR A 173 18.41 14.85 12.23
CA THR A 173 18.23 13.40 12.20
C THR A 173 17.39 12.96 10.99
N GLU A 174 16.31 13.71 10.72
CA GLU A 174 15.50 13.48 9.53
C GLU A 174 16.32 13.66 8.25
N ALA A 175 17.17 14.68 8.23
CA ALA A 175 18.06 14.94 7.09
C ALA A 175 18.99 13.77 6.84
N ARG A 176 19.53 13.19 7.92
CA ARG A 176 20.40 12.02 7.83
C ARG A 176 19.67 10.85 7.17
N ILE A 177 18.43 10.61 7.58
CA ILE A 177 17.63 9.52 7.03
C ILE A 177 17.29 9.79 5.57
N SER A 178 16.81 11.00 5.30
CA SER A 178 16.39 11.38 3.95
C SER A 178 17.54 11.31 2.94
N LYS A 179 18.72 11.78 3.32
CA LYS A 179 19.85 11.80 2.39
C LYS A 179 20.46 10.41 2.19
N GLU A 180 20.20 9.50 3.12
CA GLU A 180 20.62 8.11 2.98
C GLU A 180 19.77 7.37 1.95
N LEU A 181 18.48 7.67 1.95
CA LEU A 181 17.54 7.03 1.03
C LEU A 181 17.66 7.55 -0.41
N GLU A 182 17.85 8.86 -0.55
CA GLU A 182 18.07 9.46 -1.88
C GLU A 182 19.47 9.12 -2.38
N LYS A 183 20.37 8.83 -1.46
CA LYS A 183 21.75 8.44 -1.79
C LYS A 183 21.81 7.03 -2.37
N HIS A 184 20.95 6.15 -1.88
CA HIS A 184 20.86 4.78 -2.39
C HIS A 184 19.46 4.51 -2.92
N PRO A 185 19.14 5.02 -4.13
CA PRO A 185 17.78 4.94 -4.66
C PRO A 185 17.29 3.51 -4.93
N GLU A 186 18.22 2.57 -5.10
CA GLU A 186 17.86 1.18 -5.38
C GLU A 186 17.44 0.43 -4.12
N ILE A 187 17.98 0.84 -2.97
CA ILE A 187 17.52 0.33 -1.69
C ILE A 187 16.17 0.99 -1.34
N LYS A 188 16.11 2.31 -1.52
CA LYS A 188 14.87 3.05 -1.33
C LYS A 188 13.73 2.45 -2.17
N GLY A 189 14.05 2.07 -3.41
CA GLY A 189 13.05 1.53 -4.32
C GLY A 189 12.53 0.16 -3.93
N LYS A 190 13.39 -0.66 -3.33
CA LYS A 190 12.99 -1.99 -2.90
C LYS A 190 12.13 -1.97 -1.63
N ILE A 191 12.32 -0.95 -0.79
CA ILE A 191 11.68 -0.93 0.52
C ILE A 191 10.45 -0.03 0.65
N LYS A 192 10.35 0.98 -0.22
CA LYS A 192 9.25 1.94 -0.15
C LYS A 192 7.91 1.31 -0.54
N GLY A 193 6.89 1.57 0.27
CA GLY A 193 5.56 1.03 0.01
C GLY A 193 5.33 -0.35 0.59
N LYS A 194 6.41 -1.06 0.89
CA LYS A 194 6.35 -2.41 1.44
C LYS A 194 5.71 -2.41 2.83
N LYS A 195 4.73 -3.30 3.02
CA LYS A 195 4.09 -3.47 4.32
C LYS A 195 4.99 -4.31 5.22
N VAL A 196 5.19 -3.85 6.44
CA VAL A 196 6.14 -4.48 7.35
C VAL A 196 5.57 -4.71 8.75
N LEU A 197 5.97 -5.82 9.36
CA LEU A 197 5.69 -6.09 10.74
C LEU A 197 6.97 -6.38 11.52
N PHE A 198 7.10 -5.78 12.69
CA PHE A 198 8.24 -6.06 13.55
C PHE A 198 7.81 -7.10 14.56
N THR A 199 8.52 -8.20 14.66
CA THR A 199 8.13 -9.25 15.56
C THR A 199 9.25 -9.65 16.51
N MSE A 200 8.89 -10.28 17.61
CA MSE A 200 9.83 -10.94 18.43
C MSE A 200 9.40 -12.40 18.40
O MSE A 200 8.38 -12.74 18.81
CB MSE A 200 9.80 -10.41 19.81
CG MSE A 200 10.94 -10.89 20.61
SE MSE A 200 11.00 -10.28 22.35
CE MSE A 200 12.06 -8.82 22.04
N ILE A 201 10.21 -13.25 17.85
CA ILE A 201 9.92 -14.67 17.77
C ILE A 201 11.01 -15.46 18.47
N ASN A 202 10.60 -16.52 19.16
CA ASN A 202 11.54 -17.42 19.79
C ASN A 202 11.46 -18.79 19.12
N ALA A 203 12.58 -19.28 18.63
CA ALA A 203 12.64 -20.61 18.00
C ALA A 203 12.23 -21.69 18.99
N ALA A 204 12.45 -21.43 20.27
CA ALA A 204 12.07 -22.37 21.33
C ALA A 204 10.55 -22.58 21.37
N ASP A 205 9.80 -21.49 21.20
CA ASP A 205 8.33 -21.55 21.24
C ASP A 205 7.74 -20.72 20.10
N THR A 206 7.17 -21.40 19.11
CA THR A 206 6.59 -20.73 17.95
C THR A 206 5.06 -20.71 17.98
N SER A 207 4.47 -21.19 19.06
CA SER A 207 3.02 -21.15 19.23
C SER A 207 2.56 -19.74 19.61
N LYS A 208 3.47 -18.99 20.24
CA LYS A 208 3.20 -17.61 20.63
C LYS A 208 4.37 -16.69 20.27
N PHE A 209 4.06 -15.54 19.69
CA PHE A 209 5.08 -14.53 19.37
C PHE A 209 4.54 -13.10 19.48
N TRP A 210 5.44 -12.13 19.50
CA TRP A 210 5.06 -10.74 19.71
C TRP A 210 5.05 -9.94 18.43
N ILE A 211 4.08 -9.07 18.34
CA ILE A 211 4.02 -8.12 17.30
C ILE A 211 4.14 -6.71 17.90
N TYR A 212 5.01 -5.89 17.38
CA TYR A 212 5.13 -4.53 17.85
C TYR A 212 4.12 -3.65 17.13
N THR A 213 3.52 -2.72 17.87
CA THR A 213 2.48 -1.86 17.33
C THR A 213 3.06 -0.57 16.73
N SER A 214 2.20 0.29 16.21
CA SER A 214 2.61 1.57 15.65
C SER A 214 3.03 2.57 16.73
N LYS A 215 2.60 2.32 17.97
CA LYS A 215 2.99 3.16 19.11
C LYS A 215 4.39 2.78 19.63
N ASP A 216 4.97 1.75 19.06
CA ASP A 216 6.32 1.32 19.41
C ASP A 216 7.34 2.07 18.54
N PRO A 217 8.40 2.60 19.18
CA PRO A 217 9.41 3.38 18.46
C PRO A 217 10.21 2.60 17.42
N ARG A 218 10.35 1.29 17.61
CA ARG A 218 11.12 0.48 16.67
C ARG A 218 10.30 0.11 15.43
N ALA A 219 8.98 0.02 15.60
CA ALA A 219 8.08 -0.25 14.49
C ALA A 219 7.84 1.02 13.69
N ASN A 220 7.58 2.12 14.38
CA ASN A 220 7.30 3.40 13.73
C ASN A 220 8.50 3.94 12.96
N TYR A 221 9.70 3.61 13.42
CA TYR A 221 10.94 3.96 12.73
C TYR A 221 10.93 3.45 11.28
N LEU A 222 10.30 2.30 11.07
CA LEU A 222 10.18 1.71 9.73
C LEU A 222 9.37 2.57 8.76
N THR A 223 8.45 3.37 9.28
CA THR A 223 7.67 4.30 8.47
C THR A 223 8.48 5.52 8.07
N ASP A 224 9.47 5.88 8.90
CA ASP A 224 10.41 6.95 8.56
C ASP A 224 11.33 6.50 7.43
N LEU A 225 11.45 5.19 7.26
CA LEU A 225 12.32 4.63 6.24
C LEU A 225 11.61 4.44 4.89
N GLY A 226 10.29 4.58 4.90
CA GLY A 226 9.50 4.46 3.67
C GLY A 226 8.55 3.28 3.68
N LEU A 227 8.76 2.36 4.62
CA LEU A 227 7.89 1.20 4.80
C LEU A 227 6.54 1.62 5.35
N VAL A 228 5.54 0.76 5.19
CA VAL A 228 4.21 1.01 5.75
C VAL A 228 3.74 -0.18 6.58
N PHE A 229 2.68 0.03 7.35
CA PHE A 229 2.09 -1.04 8.14
C PHE A 229 0.94 -1.68 7.38
N PRO A 230 0.80 -3.02 7.49
CA PRO A 230 -0.31 -3.72 6.87
C PRO A 230 -1.65 -3.39 7.52
N GLU A 231 -2.73 -3.95 6.96
CA GLU A 231 -4.09 -3.64 7.40
C GLU A 231 -4.48 -4.24 8.75
N SER A 232 -3.70 -5.18 9.22
CA SER A 232 -3.96 -5.89 10.43
C SER A 232 -3.25 -5.38 11.66
N LEU A 233 -2.92 -4.12 11.70
CA LEU A 233 -2.33 -3.56 12.87
C LEU A 233 -3.31 -2.52 13.38
N LYS A 234 -3.48 -2.41 14.68
CA LYS A 234 -4.44 -1.43 15.15
C LYS A 234 -4.07 -0.13 14.56
N ASP A 240 -4.20 1.09 23.77
CA ASP A 240 -3.17 0.49 22.91
C ASP A 240 -1.91 0.16 23.70
N SER A 241 -1.09 -0.73 23.16
CA SER A 241 0.14 -1.13 23.80
C SER A 241 1.33 -0.97 22.88
N PHE A 242 2.53 -1.22 23.35
CA PHE A 242 3.70 -1.15 22.46
C PHE A 242 3.89 -2.46 21.71
N ALA A 243 3.34 -3.54 22.27
CA ALA A 243 3.38 -4.85 21.65
C ALA A 243 2.24 -5.73 22.15
N LYS A 244 1.94 -6.80 21.41
CA LYS A 244 0.90 -7.75 21.83
C LYS A 244 1.27 -9.19 21.46
N GLU A 245 1.02 -10.11 22.39
CA GLU A 245 1.20 -11.55 22.13
C GLU A 245 0.11 -12.07 21.20
N ILE A 246 0.50 -12.91 20.25
CA ILE A 246 -0.44 -13.50 19.31
C ILE A 246 -0.13 -14.97 19.08
N SER A 247 -1.17 -15.76 18.82
CA SER A 247 -1.02 -17.19 18.54
C SER A 247 -0.63 -17.44 17.09
N ALA A 248 0.05 -18.57 16.85
CA ALA A 248 0.41 -18.98 15.50
C ALA A 248 -0.84 -19.30 14.68
N GLU A 249 -1.95 -19.55 15.36
CA GLU A 249 -3.24 -19.74 14.69
C GLU A 249 -3.76 -18.40 14.19
N GLU A 250 -3.54 -17.35 14.98
CA GLU A 250 -3.88 -15.99 14.59
C GLU A 250 -2.87 -15.45 13.58
N ALA A 251 -1.94 -16.30 13.16
CA ALA A 251 -0.83 -15.88 12.30
C ALA A 251 -1.24 -15.43 10.90
N ASN A 252 -2.41 -15.89 10.44
CA ASN A 252 -2.89 -15.49 9.11
C ASN A 252 -3.28 -14.02 9.07
N LYS A 253 -3.37 -13.39 10.22
CA LYS A 253 -3.60 -11.94 10.30
C LYS A 253 -2.32 -11.20 9.92
N ILE A 254 -1.18 -11.82 10.18
CA ILE A 254 0.10 -11.22 9.82
C ILE A 254 0.49 -11.60 8.39
N ASN A 255 -0.36 -12.41 7.77
CA ASN A 255 -0.08 -12.94 6.43
C ASN A 255 -0.13 -11.90 5.31
N ASP A 256 -0.56 -10.69 5.63
CA ASP A 256 -0.66 -9.64 4.63
C ASP A 256 0.52 -8.67 4.69
N ALA A 257 1.58 -9.07 5.39
CA ALA A 257 2.82 -8.31 5.42
C ALA A 257 3.74 -8.76 4.29
N ASP A 258 4.38 -7.81 3.63
CA ASP A 258 5.33 -8.10 2.56
C ASP A 258 6.66 -8.56 3.13
N VAL A 259 7.08 -7.89 4.20
CA VAL A 259 8.35 -8.20 4.85
C VAL A 259 8.18 -8.28 6.36
N ILE A 260 8.93 -9.17 7.00
CA ILE A 260 8.90 -9.35 8.45
C ILE A 260 10.28 -9.04 9.02
N ILE A 261 10.32 -8.37 10.16
CA ILE A 261 11.57 -8.17 10.88
C ILE A 261 11.49 -8.82 12.26
N THR A 262 12.55 -9.52 12.64
CA THR A 262 12.60 -10.17 13.94
C THR A 262 14.03 -10.26 14.44
N TYR A 263 14.18 -10.37 15.74
CA TYR A 263 15.43 -10.63 16.34
C TYR A 263 15.69 -12.09 16.15
N GLY A 264 16.97 -12.43 15.95
CA GLY A 264 17.39 -13.79 15.68
C GLY A 264 18.85 -14.10 15.39
N ASP A 265 19.08 -15.20 14.67
CA ASP A 265 20.43 -15.61 14.32
C ASP A 265 20.50 -16.11 12.87
N ASP A 266 21.56 -16.84 12.58
CA ASP A 266 21.79 -17.39 11.27
C ASP A 266 20.89 -18.60 11.00
N LYS A 267 20.21 -19.21 12.01
CA LYS A 267 19.29 -20.28 11.69
C LYS A 267 17.83 -19.85 11.75
N THR A 268 17.58 -18.59 12.08
CA THR A 268 16.22 -18.10 12.24
C THR A 268 15.30 -18.24 11.03
N LEU A 269 15.71 -17.74 9.88
CA LEU A 269 14.90 -17.80 8.67
C LEU A 269 14.60 -19.25 8.26
N GLU A 270 15.64 -20.07 8.15
CA GLU A 270 15.49 -21.48 7.81
C GLU A 270 14.56 -22.19 8.79
N ALA A 271 14.61 -21.79 10.06
CA ALA A 271 13.77 -22.37 11.11
C ALA A 271 12.30 -21.97 10.93
N LEU A 272 12.05 -20.70 10.68
CA LEU A 272 10.69 -20.19 10.52
C LEU A 272 10.02 -20.72 9.25
N GLN A 273 10.83 -21.01 8.23
CA GLN A 273 10.32 -21.59 6.99
C GLN A 273 9.94 -23.05 7.19
N LYS A 274 10.56 -23.68 8.17
CA LYS A 274 10.34 -25.08 8.50
C LYS A 274 9.12 -25.28 9.40
N ASP A 275 8.66 -24.18 10.02
CA ASP A 275 7.56 -24.23 10.98
C ASP A 275 6.22 -24.55 10.30
N PRO A 276 5.51 -25.59 10.78
CA PRO A 276 4.28 -26.08 10.17
C PRO A 276 3.24 -24.99 9.90
N LEU A 277 3.18 -24.00 10.80
CA LEU A 277 2.23 -22.90 10.65
C LEU A 277 2.90 -21.61 10.16
N LEU A 278 4.01 -21.25 10.80
CA LEU A 278 4.71 -20.00 10.45
C LEU A 278 5.34 -20.04 9.06
N GLY A 279 5.60 -21.24 8.55
CA GLY A 279 6.12 -21.42 7.20
C GLY A 279 5.09 -21.20 6.12
N LYS A 280 3.83 -21.06 6.51
CA LYS A 280 2.74 -20.82 5.57
C LYS A 280 2.47 -19.32 5.40
N ILE A 281 3.12 -18.51 6.22
CA ILE A 281 3.01 -17.06 6.14
C ILE A 281 3.74 -16.54 4.89
N ASN A 282 3.11 -15.60 4.18
CA ASN A 282 3.65 -15.04 2.95
C ASN A 282 5.12 -14.65 3.04
N ALA A 283 5.43 -13.70 3.92
CA ALA A 283 6.77 -13.12 4.01
C ALA A 283 7.83 -14.14 4.42
N ILE A 284 7.43 -15.10 5.26
CA ILE A 284 8.35 -16.15 5.70
C ILE A 284 8.58 -17.17 4.59
N LYS A 285 7.50 -17.55 3.91
CA LYS A 285 7.57 -18.48 2.79
C LYS A 285 8.44 -17.92 1.66
N ASN A 286 8.33 -16.62 1.43
CA ASN A 286 9.09 -15.94 0.38
C ASN A 286 10.54 -15.67 0.77
N GLY A 287 10.84 -15.74 2.06
CA GLY A 287 12.17 -15.44 2.56
C GLY A 287 12.37 -13.95 2.79
N ALA A 288 11.27 -13.20 2.76
CA ALA A 288 11.29 -11.77 3.04
C ALA A 288 11.24 -11.54 4.54
N VAL A 289 12.30 -11.99 5.22
CA VAL A 289 12.41 -11.86 6.66
C VAL A 289 13.75 -11.20 6.99
N ALA A 290 13.69 -10.05 7.65
CA ALA A 290 14.90 -9.34 8.06
C ALA A 290 15.25 -9.75 9.49
N VAL A 291 16.34 -10.51 9.62
CA VAL A 291 16.75 -11.02 10.92
C VAL A 291 17.82 -10.12 11.50
N ILE A 292 17.49 -9.46 12.61
CA ILE A 292 18.46 -8.65 13.33
C ILE A 292 19.16 -9.54 14.35
N PRO A 293 20.49 -9.69 14.20
CA PRO A 293 21.29 -10.51 15.11
C PRO A 293 21.07 -10.10 16.57
N ASP A 294 20.59 -11.03 17.38
CA ASP A 294 20.29 -10.76 18.77
C ASP A 294 21.57 -10.51 19.58
N ASN A 295 21.50 -9.53 20.48
CA ASN A 295 22.64 -9.16 21.32
C ASN A 295 23.83 -8.53 20.54
N THR A 296 23.50 -7.75 19.51
CA THR A 296 24.49 -6.96 18.78
C THR A 296 24.11 -5.48 18.83
N PRO A 297 25.09 -4.58 18.63
CA PRO A 297 24.77 -3.15 18.59
C PRO A 297 23.67 -2.82 17.58
N LEU A 298 23.65 -3.52 16.44
CA LEU A 298 22.60 -3.33 15.45
C LEU A 298 21.21 -3.65 16.01
N ALA A 299 21.15 -4.64 16.91
CA ALA A 299 19.89 -5.05 17.53
C ALA A 299 19.32 -3.96 18.44
N ALA A 300 20.23 -3.27 19.15
CA ALA A 300 19.82 -2.22 20.09
C ALA A 300 19.36 -0.95 19.36
N SER A 301 19.93 -0.71 18.19
CA SER A 301 19.63 0.49 17.41
C SER A 301 18.23 0.48 16.77
N CYS A 302 17.57 -0.66 16.80
CA CYS A 302 16.26 -0.80 16.23
C CYS A 302 15.28 0.12 16.92
N THR A 303 15.51 0.35 18.20
CA THR A 303 14.79 1.38 18.92
C THR A 303 15.69 2.57 18.78
N PRO A 304 15.42 3.44 17.82
CA PRO A 304 16.35 4.46 17.39
C PRO A 304 16.62 5.66 18.30
N THR A 305 17.84 6.14 18.26
CA THR A 305 18.17 7.45 18.81
C THR A 305 18.87 8.24 17.70
N PRO A 306 19.01 9.56 17.88
CA PRO A 306 19.73 10.35 16.87
C PRO A 306 21.17 9.89 16.70
N LEU A 307 21.77 9.38 17.77
CA LEU A 307 23.12 8.84 17.72
C LEU A 307 23.16 7.47 17.05
N SER A 308 22.20 6.61 17.40
CA SER A 308 22.16 5.26 16.83
C SER A 308 21.84 5.30 15.35
N ILE A 309 20.90 6.16 14.96
CA ILE A 309 20.51 6.32 13.57
C ILE A 309 21.71 6.74 12.73
N ASN A 310 22.43 7.75 13.23
CA ASN A 310 23.62 8.25 12.56
C ASN A 310 24.72 7.20 12.41
N TYR A 311 24.65 6.16 13.24
CA TYR A 311 25.72 5.17 13.33
C TYR A 311 25.43 3.90 12.52
N THR A 312 24.16 3.51 12.44
CA THR A 312 23.80 2.18 11.95
C THR A 312 22.84 2.13 10.75
N ILE A 313 22.47 3.30 10.23
CA ILE A 313 21.43 3.35 9.18
C ILE A 313 21.84 2.66 7.86
N GLU A 314 23.11 2.79 7.48
CA GLU A 314 23.64 2.07 6.31
C GLU A 314 23.51 0.57 6.50
N GLU A 315 23.93 0.09 7.67
CA GLU A 315 23.86 -1.31 8.02
C GLU A 315 22.42 -1.81 8.09
N TYR A 316 21.53 -0.95 8.58
CA TYR A 316 20.13 -1.31 8.74
C TYR A 316 19.39 -1.34 7.40
N LEU A 317 19.67 -0.36 6.55
CA LEU A 317 19.06 -0.30 5.22
C LEU A 317 19.51 -1.47 4.35
N ASN A 318 20.78 -1.84 4.45
CA ASN A 318 21.33 -2.96 3.69
C ASN A 318 20.65 -4.28 4.05
N LEU A 319 20.33 -4.43 5.33
CA LEU A 319 19.65 -5.64 5.83
C LEU A 319 18.18 -5.67 5.41
N LEU A 320 17.54 -4.50 5.45
CA LEU A 320 16.17 -4.35 5.00
C LEU A 320 16.09 -4.51 3.48
N GLY A 321 17.06 -3.94 2.80
CA GLY A 321 17.11 -3.95 1.34
C GLY A 321 17.11 -5.34 0.76
N ASN A 322 17.92 -6.21 1.33
CA ASN A 322 18.01 -7.60 0.89
C ASN A 322 16.76 -8.42 1.20
N ALA A 323 16.16 -8.17 2.37
CA ALA A 323 14.93 -8.85 2.76
C ALA A 323 13.77 -8.47 1.85
N CYS A 324 13.66 -7.19 1.53
CA CYS A 324 12.59 -6.69 0.66
C CYS A 324 12.77 -7.13 -0.79
N LYS A 325 13.94 -7.68 -1.10
CA LYS A 325 14.20 -8.26 -2.42
C LYS A 325 13.45 -9.57 -2.59
N ASN A 326 13.09 -10.19 -1.47
CA ASN A 326 12.36 -11.45 -1.47
C ASN A 326 10.86 -11.23 -1.28
N ALA A 327 10.45 -9.97 -1.27
CA ALA A 327 9.04 -9.62 -1.13
C ALA A 327 8.37 -9.50 -2.50
N ILE B 27 -17.24 21.63 -6.49
CA ILE B 27 -17.72 20.65 -7.49
C ILE B 27 -18.72 19.67 -6.89
N VAL B 28 -19.89 19.59 -7.50
CA VAL B 28 -20.92 18.62 -7.10
C VAL B 28 -21.02 17.56 -8.18
N LEU B 29 -21.12 16.29 -7.76
CA LEU B 29 -21.24 15.19 -8.70
C LEU B 29 -22.44 14.33 -8.38
N ASP B 30 -23.32 14.16 -9.35
CA ASP B 30 -24.52 13.37 -9.19
C ASP B 30 -24.26 11.93 -9.62
N HIS B 31 -24.65 10.99 -8.76
CA HIS B 31 -24.48 9.57 -9.03
C HIS B 31 -25.60 8.76 -8.41
N ALA B 32 -25.49 7.44 -8.49
CA ALA B 32 -26.56 6.53 -8.07
C ALA B 32 -26.88 6.60 -6.58
N PHE B 33 -25.92 7.07 -5.79
CA PHE B 33 -26.11 7.13 -4.33
C PHE B 33 -26.42 8.54 -3.83
N GLY B 34 -26.56 9.48 -4.76
CA GLY B 34 -26.88 10.87 -4.40
C GLY B 34 -25.86 11.85 -4.92
N GLN B 35 -25.40 12.74 -4.04
CA GLN B 35 -24.45 13.78 -4.40
C GLN B 35 -23.15 13.69 -3.61
N THR B 36 -22.04 14.05 -4.25
CA THR B 36 -20.74 14.09 -3.59
C THR B 36 -20.11 15.47 -3.72
N ILE B 37 -19.77 16.08 -2.58
CA ILE B 37 -19.10 17.37 -2.55
C ILE B 37 -17.59 17.15 -2.64
N LEU B 38 -17.00 17.52 -3.75
CA LEU B 38 -15.62 17.22 -4.02
C LEU B 38 -14.65 18.31 -3.83
N ASP B 39 -13.38 17.95 -3.79
CA ASP B 39 -12.30 18.92 -3.75
C ASP B 39 -12.03 19.44 -5.16
N LYS B 40 -11.84 20.75 -5.28
CA LYS B 40 -11.58 21.37 -6.58
C LYS B 40 -10.18 21.01 -7.07
N LYS B 41 -9.22 20.98 -6.16
CA LYS B 41 -7.85 20.62 -6.50
C LYS B 41 -7.37 19.42 -5.68
N PRO B 42 -7.86 18.22 -6.03
CA PRO B 42 -7.50 17.01 -5.28
C PRO B 42 -6.00 16.71 -5.34
N GLU B 43 -5.30 16.95 -4.24
CA GLU B 43 -3.85 16.77 -4.18
C GLU B 43 -3.47 15.29 -4.22
N ARG B 44 -4.33 14.45 -3.67
CA ARG B 44 -4.07 13.02 -3.58
C ARG B 44 -5.27 12.23 -4.10
N VAL B 45 -5.03 11.40 -5.10
CA VAL B 45 -6.11 10.70 -5.79
C VAL B 45 -5.97 9.19 -5.62
N ALA B 46 -7.06 8.55 -5.22
CA ALA B 46 -7.14 7.09 -5.18
C ALA B 46 -8.20 6.60 -6.17
N THR B 47 -7.99 5.41 -6.72
CA THR B 47 -8.97 4.79 -7.63
C THR B 47 -9.19 3.33 -7.28
N ILE B 48 -10.40 2.85 -7.51
CA ILE B 48 -10.74 1.45 -7.30
C ILE B 48 -11.32 0.84 -8.58
N ALA B 49 -11.57 -0.47 -8.55
CA ALA B 49 -12.16 -1.19 -9.69
C ALA B 49 -11.32 -1.08 -10.96
N TRP B 50 -11.94 -1.38 -12.10
CA TRP B 50 -11.23 -1.40 -13.39
C TRP B 50 -11.14 -0.03 -14.04
N GLY B 51 -10.03 0.23 -14.71
CA GLY B 51 -9.90 1.36 -15.63
C GLY B 51 -9.79 2.76 -15.07
N ASN B 52 -10.35 2.98 -13.88
CA ASN B 52 -10.38 4.31 -13.27
C ASN B 52 -9.01 4.98 -13.16
N HIS B 53 -7.99 4.18 -12.84
CA HIS B 53 -6.63 4.69 -12.69
C HIS B 53 -6.06 5.16 -14.02
N ASP B 54 -6.47 4.52 -15.10
CA ASP B 54 -6.03 4.89 -16.44
C ASP B 54 -6.58 6.24 -16.88
N VAL B 55 -7.82 6.53 -16.48
CA VAL B 55 -8.42 7.83 -16.80
C VAL B 55 -7.60 8.94 -16.16
N ALA B 56 -7.33 8.80 -14.87
CA ALA B 56 -6.55 9.78 -14.12
C ALA B 56 -5.15 9.93 -14.68
N LEU B 57 -4.52 8.81 -15.00
CA LEU B 57 -3.18 8.81 -15.61
C LEU B 57 -3.18 9.50 -16.97
N ALA B 58 -4.22 9.21 -17.77
CA ALA B 58 -4.39 9.84 -19.07
C ALA B 58 -4.62 11.34 -18.92
N LEU B 59 -4.93 11.78 -17.70
CA LEU B 59 -5.10 13.20 -17.41
C LEU B 59 -3.88 13.78 -16.69
N GLY B 60 -2.84 12.95 -16.52
CA GLY B 60 -1.58 13.42 -15.93
C GLY B 60 -1.47 13.23 -14.42
N ILE B 61 -2.48 12.62 -13.81
CA ILE B 61 -2.45 12.38 -12.38
C ILE B 61 -1.94 10.98 -12.07
N VAL B 62 -0.87 10.91 -11.28
CA VAL B 62 -0.43 9.65 -10.69
C VAL B 62 -1.20 9.45 -9.38
N PRO B 63 -2.11 8.46 -9.35
CA PRO B 63 -2.85 8.21 -8.11
C PRO B 63 -1.94 7.75 -6.98
N VAL B 64 -2.29 8.10 -5.75
CA VAL B 64 -1.52 7.69 -4.57
C VAL B 64 -1.65 6.19 -4.33
N GLY B 65 -2.66 5.60 -4.95
CA GLY B 65 -2.86 4.16 -4.91
C GLY B 65 -4.03 3.77 -5.80
N PHE B 66 -3.93 2.60 -6.43
CA PHE B 66 -5.03 2.09 -7.24
C PHE B 66 -5.11 0.57 -7.17
N SER B 67 -6.31 0.05 -7.39
CA SER B 67 -6.59 -1.35 -7.29
C SER B 67 -5.62 -2.17 -8.07
N LYS B 68 -5.41 -3.39 -7.64
CA LYS B 68 -4.50 -4.25 -8.32
C LYS B 68 -5.23 -5.22 -9.22
N ALA B 69 -4.78 -5.30 -10.46
CA ALA B 69 -5.38 -6.22 -11.41
C ALA B 69 -4.70 -7.59 -11.38
N LYS B 77 3.31 -6.40 -13.42
CA LYS B 77 3.33 -6.74 -12.00
C LYS B 77 2.12 -6.24 -11.24
N GLY B 78 0.95 -6.80 -11.51
CA GLY B 78 -0.27 -6.33 -10.90
C GLY B 78 -0.68 -5.05 -11.57
N VAL B 79 0.03 -4.75 -12.65
CA VAL B 79 -0.16 -3.55 -13.42
C VAL B 79 -0.02 -3.90 -14.88
N LEU B 80 -0.99 -3.47 -15.67
CA LEU B 80 -1.01 -3.69 -17.11
C LEU B 80 0.06 -2.84 -17.82
N PRO B 81 0.53 -3.28 -19.00
CA PRO B 81 1.61 -2.62 -19.74
C PRO B 81 1.40 -1.13 -19.97
N TRP B 82 0.22 -0.74 -20.44
CA TRP B 82 -0.07 0.66 -20.75
C TRP B 82 -0.14 1.53 -19.51
N THR B 83 -0.72 1.00 -18.44
CA THR B 83 -0.80 1.70 -17.17
C THR B 83 0.60 2.00 -16.64
N GLU B 84 1.47 1.00 -16.67
CA GLU B 84 2.85 1.15 -16.22
C GLU B 84 3.57 2.13 -17.14
N GLU B 85 3.25 2.06 -18.43
CA GLU B 85 3.88 2.90 -19.43
C GLU B 85 3.59 4.38 -19.16
N LYS B 86 2.37 4.67 -18.76
CA LYS B 86 1.96 6.04 -18.48
C LYS B 86 2.50 6.55 -17.15
N ILE B 87 2.61 5.65 -16.17
CA ILE B 87 3.18 6.00 -14.87
C ILE B 87 4.66 6.37 -15.02
N LYS B 88 5.36 5.58 -15.84
CA LYS B 88 6.78 5.82 -16.11
C LYS B 88 6.99 7.15 -16.85
N GLU B 89 6.04 7.51 -17.71
CA GLU B 89 6.10 8.77 -18.45
C GLU B 89 5.80 9.97 -17.56
N LEU B 90 5.17 9.72 -16.41
CA LEU B 90 4.84 10.78 -15.46
C LEU B 90 5.83 10.82 -14.29
N ASN B 91 6.90 10.03 -14.38
CA ASN B 91 7.96 9.97 -13.38
C ASN B 91 7.52 9.46 -12.01
N GLY B 92 6.45 8.67 -12.00
CA GLY B 92 5.88 8.11 -10.77
C GLY B 92 6.17 6.65 -10.46
N LYS B 93 5.67 6.22 -9.30
CA LYS B 93 5.79 4.84 -8.84
C LYS B 93 4.39 4.28 -8.77
N ALA B 94 4.20 3.04 -9.19
CA ALA B 94 2.89 2.42 -9.06
C ALA B 94 2.62 2.07 -7.60
N ASN B 95 1.54 2.61 -7.06
CA ASN B 95 1.16 2.32 -5.71
C ASN B 95 -0.08 1.45 -5.76
N LEU B 96 0.00 0.23 -5.23
CA LEU B 96 -1.11 -0.71 -5.37
C LEU B 96 -1.78 -1.10 -4.07
N PHE B 97 -3.11 -1.04 -4.11
CA PHE B 97 -3.93 -1.56 -3.04
C PHE B 97 -4.02 -3.04 -3.28
N ASP B 98 -3.80 -3.83 -2.23
CA ASP B 98 -3.97 -5.29 -2.33
C ASP B 98 -5.46 -5.64 -2.40
N ASP B 99 -6.17 -5.06 -3.36
CA ASP B 99 -7.60 -5.24 -3.59
C ASP B 99 -7.72 -6.43 -4.48
N LEU B 100 -8.04 -7.59 -3.97
CA LEU B 100 -8.22 -8.70 -4.87
C LEU B 100 -9.22 -9.60 -4.27
N ASP B 101 -9.08 -9.75 -2.99
CA ASP B 101 -10.00 -10.48 -2.18
C ASP B 101 -11.34 -9.72 -2.22
N GLY B 102 -11.26 -8.40 -2.22
CA GLY B 102 -12.37 -7.48 -2.11
C GLY B 102 -11.80 -6.09 -1.89
N LEU B 103 -12.62 -5.13 -1.49
CA LEU B 103 -12.14 -3.77 -1.23
C LEU B 103 -11.24 -3.71 0.00
N ASN B 104 -10.06 -3.14 -0.18
CA ASN B 104 -9.11 -2.98 0.92
C ASN B 104 -9.23 -1.59 1.55
N PHE B 105 -10.22 -1.44 2.43
CA PHE B 105 -10.56 -0.16 3.02
C PHE B 105 -9.41 0.50 3.80
N GLU B 106 -8.64 -0.31 4.50
CA GLU B 106 -7.54 0.23 5.24
C GLU B 106 -6.45 0.71 4.34
N ALA B 107 -6.20 0.02 3.26
CA ALA B 107 -5.19 0.41 2.29
C ALA B 107 -5.54 1.73 1.60
N ILE B 108 -6.78 1.84 1.13
CA ILE B 108 -7.26 3.10 0.55
C ILE B 108 -7.17 4.23 1.59
N SER B 109 -7.55 3.91 2.82
CA SER B 109 -7.49 4.85 3.94
C SER B 109 -6.05 5.25 4.25
N ASN B 110 -5.12 4.32 4.13
CA ASN B 110 -3.70 4.56 4.41
C ASN B 110 -3.04 5.48 3.40
N SER B 111 -3.50 5.41 2.16
CA SER B 111 -2.94 6.23 1.08
C SER B 111 -3.34 7.69 1.20
N LYS B 112 -4.25 8.00 2.10
CA LYS B 112 -4.75 9.32 2.29
C LYS B 112 -5.15 9.94 1.00
N PRO B 113 -6.35 9.64 0.52
CA PRO B 113 -6.83 10.28 -0.70
C PRO B 113 -7.74 11.48 -0.43
N ASP B 114 -7.77 12.42 -1.35
CA ASP B 114 -8.70 13.54 -1.32
C ASP B 114 -9.96 13.19 -2.10
N VAL B 115 -9.84 12.17 -2.94
CA VAL B 115 -10.95 11.69 -3.75
C VAL B 115 -10.74 10.21 -4.06
N ILE B 116 -11.84 9.48 -4.23
CA ILE B 116 -11.78 8.10 -4.70
C ILE B 116 -12.57 7.99 -6.00
N LEU B 117 -11.92 7.55 -7.05
CA LEU B 117 -12.61 7.40 -8.31
C LEU B 117 -13.14 6.02 -8.50
N ALA B 118 -14.41 5.92 -8.73
CA ALA B 118 -15.09 4.64 -8.95
C ALA B 118 -16.15 4.77 -10.06
N GLY B 119 -15.93 5.71 -10.97
CA GLY B 119 -16.86 5.96 -12.07
C GLY B 119 -17.35 4.70 -12.76
N TYR B 120 -16.43 3.75 -12.92
CA TYR B 120 -16.78 2.42 -13.40
C TYR B 120 -16.40 1.41 -12.33
N SER B 121 -17.42 0.83 -11.69
CA SER B 121 -17.22 -0.05 -10.55
C SER B 121 -18.50 -0.82 -10.23
N GLY B 122 -18.41 -1.75 -9.29
CA GLY B 122 -19.59 -2.50 -8.84
C GLY B 122 -19.89 -2.30 -7.36
N ILE B 123 -19.65 -1.09 -6.87
CA ILE B 123 -19.79 -0.81 -5.44
C ILE B 123 -21.24 -0.80 -4.97
N THR B 124 -21.47 -1.37 -3.79
CA THR B 124 -22.79 -1.42 -3.18
C THR B 124 -23.04 -0.17 -2.34
N LYS B 125 -24.27 -0.02 -1.85
CA LYS B 125 -24.65 1.08 -0.99
C LYS B 125 -23.71 1.17 0.22
N GLU B 126 -23.40 0.01 0.81
CA GLU B 126 -22.50 -0.04 1.96
C GLU B 126 -21.06 0.31 1.58
N ASP B 127 -20.64 -0.13 0.40
CA ASP B 127 -19.34 0.23 -0.16
C ASP B 127 -19.18 1.74 -0.26
N TYR B 128 -20.22 2.40 -0.74
CA TYR B 128 -20.22 3.85 -0.87
C TYR B 128 -20.11 4.54 0.50
N ASP B 129 -20.86 4.05 1.47
CA ASP B 129 -20.87 4.63 2.82
C ASP B 129 -19.53 4.48 3.53
N THR B 130 -18.90 3.30 3.40
CA THR B 130 -17.63 3.04 4.07
C THR B 130 -16.50 3.83 3.45
N LEU B 131 -16.51 3.95 2.12
CA LEU B 131 -15.50 4.72 1.40
C LEU B 131 -15.66 6.23 1.60
N SER B 132 -16.91 6.67 1.80
CA SER B 132 -17.20 8.09 2.03
C SER B 132 -16.70 8.58 3.38
N LYS B 133 -16.39 7.64 4.27
CA LYS B 133 -15.81 7.99 5.58
C LYS B 133 -14.33 8.35 5.43
N ILE B 134 -13.73 7.96 4.32
CA ILE B 134 -12.33 8.28 4.04
C ILE B 134 -12.21 9.54 3.18
N ALA B 135 -12.97 9.58 2.10
CA ALA B 135 -12.90 10.67 1.13
C ALA B 135 -14.15 10.72 0.27
N PRO B 136 -14.41 11.87 -0.39
CA PRO B 136 -15.48 11.93 -1.39
C PRO B 136 -15.24 10.90 -2.49
N VAL B 137 -16.32 10.27 -2.96
CA VAL B 137 -16.22 9.19 -3.93
C VAL B 137 -16.96 9.52 -5.22
N ALA B 138 -16.29 9.33 -6.34
CA ALA B 138 -16.93 9.45 -7.65
C ALA B 138 -17.51 8.10 -8.06
N ALA B 139 -18.79 7.92 -7.80
CA ALA B 139 -19.48 6.66 -8.10
C ALA B 139 -20.10 6.69 -9.49
N TYR B 140 -20.54 5.53 -9.93
CA TYR B 140 -21.22 5.39 -11.19
C TYR B 140 -22.60 5.98 -11.09
N LYS B 141 -23.09 6.46 -12.21
CA LYS B 141 -24.42 7.04 -12.28
C LYS B 141 -25.60 6.10 -12.27
N SER B 142 -25.50 4.97 -12.93
CA SER B 142 -26.68 4.15 -13.06
C SER B 142 -26.72 2.92 -12.21
N LYS B 143 -26.12 1.87 -12.70
CA LYS B 143 -26.15 0.57 -12.05
C LYS B 143 -24.75 0.00 -12.03
N PRO B 144 -24.51 -0.91 -11.13
CA PRO B 144 -23.14 -1.39 -10.99
C PRO B 144 -22.56 -2.05 -12.26
N TRP B 145 -21.31 -1.72 -12.53
CA TRP B 145 -20.56 -2.27 -13.64
C TRP B 145 -21.09 -1.86 -15.00
N GLN B 146 -21.95 -0.84 -15.03
CA GLN B 146 -22.60 -0.38 -16.25
C GLN B 146 -22.19 1.05 -16.60
N THR B 147 -20.90 1.24 -16.83
CA THR B 147 -20.38 2.54 -17.24
C THR B 147 -19.52 2.36 -18.50
N LEU B 148 -19.95 2.99 -19.59
CA LEU B 148 -19.20 2.96 -20.85
C LEU B 148 -17.95 3.81 -20.69
N TRP B 149 -16.95 3.57 -21.53
CA TRP B 149 -15.65 4.23 -21.38
C TRP B 149 -15.71 5.75 -21.47
N ARG B 150 -16.67 6.29 -22.21
CA ARG B 150 -16.83 7.74 -22.30
C ARG B 150 -17.38 8.32 -20.99
N ASP B 151 -18.29 7.59 -20.36
CA ASP B 151 -18.88 8.01 -19.10
C ASP B 151 -17.91 7.84 -17.95
N MSE B 152 -17.00 6.87 -18.03
CA MSE B 152 -16.00 6.69 -17.02
C MSE B 152 -15.07 7.84 -17.01
O MSE B 152 -14.73 8.36 -15.99
CB MSE B 152 -15.25 5.42 -17.27
CG MSE B 152 -14.21 5.02 -16.26
SE MSE B 152 -13.17 3.59 -16.76
CE MSE B 152 -12.70 4.10 -18.40
N ILE B 153 -14.71 8.30 -18.17
CA ILE B 153 -13.90 9.50 -18.28
C ILE B 153 -14.66 10.71 -17.73
N LYS B 154 -15.93 10.85 -18.13
CA LYS B 154 -16.75 12.00 -17.73
C LYS B 154 -16.93 12.11 -16.23
N ILE B 155 -17.21 10.99 -15.57
CA ILE B 155 -17.39 10.94 -14.12
C ILE B 155 -16.06 11.19 -13.39
N ASP B 156 -15.02 10.45 -13.80
CA ASP B 156 -13.72 10.50 -13.14
C ASP B 156 -12.99 11.82 -13.33
N SER B 157 -13.11 12.41 -14.51
CA SER B 157 -12.42 13.68 -14.80
C SER B 157 -13.08 14.85 -14.09
N LYS B 158 -14.41 14.79 -13.94
CA LYS B 158 -15.15 15.82 -13.23
C LYS B 158 -14.79 15.81 -11.74
N ALA B 159 -14.60 14.62 -11.21
CA ALA B 159 -14.21 14.45 -9.81
C ALA B 159 -12.73 14.79 -9.58
N LEU B 160 -12.08 15.27 -10.63
CA LEU B 160 -10.70 15.73 -10.54
C LEU B 160 -10.60 17.22 -10.84
N GLY B 161 -11.72 17.83 -11.14
CA GLY B 161 -11.77 19.24 -11.52
C GLY B 161 -11.23 19.45 -12.93
N MSE B 162 -11.39 18.42 -13.74
CA MSE B 162 -10.93 18.44 -15.10
C MSE B 162 -11.92 17.96 -16.11
O MSE B 162 -11.59 17.22 -16.95
CB MSE B 162 -9.66 17.64 -15.19
CG MSE B 162 -8.59 18.27 -14.44
SE MSE B 162 -7.06 17.31 -14.47
CE MSE B 162 -6.22 17.84 -16.01
N GLU B 163 -13.14 18.41 -16.00
CA GLU B 163 -14.24 18.04 -16.90
C GLU B 163 -13.92 18.40 -18.36
N LYS B 164 -13.50 19.64 -18.58
CA LYS B 164 -13.16 20.12 -19.91
C LYS B 164 -12.00 19.34 -20.52
N GLU B 165 -11.01 19.02 -19.69
CA GLU B 165 -9.88 18.22 -20.12
C GLU B 165 -10.35 16.82 -20.51
N GLY B 166 -11.29 16.30 -19.73
CA GLY B 166 -11.82 14.96 -19.95
C GLY B 166 -12.55 14.84 -21.28
N ASP B 167 -13.19 15.94 -21.68
CA ASP B 167 -13.83 16.02 -23.00
C ASP B 167 -12.81 15.83 -24.10
N GLU B 168 -11.64 16.46 -23.94
CA GLU B 168 -10.57 16.40 -24.92
C GLU B 168 -9.96 15.00 -24.98
N LEU B 169 -9.93 14.32 -23.83
CA LEU B 169 -9.44 12.95 -23.78
C LEU B 169 -10.36 12.04 -24.57
N ILE B 170 -11.66 12.26 -24.45
CA ILE B 170 -12.66 11.51 -25.21
C ILE B 170 -12.46 11.73 -26.71
N LYS B 171 -12.32 13.00 -27.11
CA LYS B 171 -12.09 13.32 -28.52
C LYS B 171 -10.74 12.79 -29.02
N ASN B 172 -9.70 12.90 -28.20
CA ASN B 172 -8.40 12.31 -28.54
C ASN B 172 -8.47 10.79 -28.68
N THR B 173 -9.24 10.16 -27.80
CA THR B 173 -9.43 8.70 -27.83
C THR B 173 -10.25 8.29 -29.06
N GLU B 174 -11.26 9.09 -29.39
CA GLU B 174 -12.09 8.84 -30.55
C GLU B 174 -11.30 9.01 -31.85
N ALA B 175 -10.44 10.04 -31.88
CA ALA B 175 -9.55 10.25 -33.02
C ALA B 175 -8.56 9.10 -33.15
N ARG B 176 -8.11 8.57 -32.02
CA ARG B 176 -7.19 7.44 -32.00
C ARG B 176 -7.82 6.20 -32.66
N ILE B 177 -9.08 5.93 -32.32
CA ILE B 177 -9.83 4.83 -32.92
C ILE B 177 -10.07 5.10 -34.41
N SER B 178 -10.50 6.32 -34.71
CA SER B 178 -10.90 6.69 -36.08
C SER B 178 -9.78 6.61 -37.10
N LYS B 179 -8.59 7.10 -36.74
CA LYS B 179 -7.47 7.12 -37.67
C LYS B 179 -6.80 5.75 -37.81
N GLU B 180 -7.04 4.87 -36.83
CA GLU B 180 -6.54 3.50 -36.89
C GLU B 180 -7.39 2.67 -37.84
N LEU B 181 -8.69 2.97 -37.89
CA LEU B 181 -9.61 2.34 -38.83
C LEU B 181 -9.36 2.88 -40.23
N GLU B 182 -9.14 4.19 -40.33
CA GLU B 182 -8.80 4.84 -41.58
C GLU B 182 -7.47 4.32 -42.13
N LYS B 183 -6.51 4.09 -41.22
CA LYS B 183 -5.18 3.64 -41.58
C LYS B 183 -5.19 2.24 -42.19
N HIS B 184 -6.17 1.43 -41.79
CA HIS B 184 -6.29 0.06 -42.26
C HIS B 184 -7.66 -0.23 -42.83
N PRO B 185 -7.96 0.33 -44.02
CA PRO B 185 -9.32 0.30 -44.58
C PRO B 185 -9.84 -1.10 -44.91
N GLU B 186 -8.93 -2.06 -45.07
CA GLU B 186 -9.32 -3.45 -45.35
C GLU B 186 -9.81 -4.17 -44.12
N ILE B 187 -9.14 -3.91 -42.99
CA ILE B 187 -9.60 -4.42 -41.70
C ILE B 187 -10.94 -3.76 -41.35
N LYS B 188 -11.02 -2.46 -41.61
CA LYS B 188 -12.27 -1.71 -41.46
C LYS B 188 -13.39 -2.33 -42.32
N GLY B 189 -13.07 -2.62 -43.58
CA GLY B 189 -14.04 -3.18 -44.51
C GLY B 189 -14.55 -4.56 -44.10
N LYS B 190 -13.70 -5.31 -43.41
CA LYS B 190 -14.08 -6.63 -42.93
C LYS B 190 -15.01 -6.57 -41.71
N ILE B 191 -14.80 -5.57 -40.85
CA ILE B 191 -15.46 -5.58 -39.55
C ILE B 191 -16.71 -4.68 -39.43
N LYS B 192 -16.78 -3.65 -40.26
CA LYS B 192 -17.88 -2.69 -40.19
C LYS B 192 -19.22 -3.27 -40.62
N GLY B 193 -20.24 -3.07 -39.78
CA GLY B 193 -21.58 -3.53 -40.09
C GLY B 193 -21.87 -4.92 -39.55
N LYS B 194 -20.81 -5.71 -39.34
CA LYS B 194 -20.94 -7.06 -38.82
C LYS B 194 -21.67 -7.09 -37.48
N LYS B 195 -22.71 -7.91 -37.39
CA LYS B 195 -23.48 -8.07 -36.16
C LYS B 195 -22.70 -8.90 -35.15
N VAL B 196 -22.44 -8.32 -33.98
CA VAL B 196 -21.55 -8.94 -33.00
C VAL B 196 -22.16 -9.13 -31.62
N LEU B 197 -21.68 -10.15 -30.91
CA LEU B 197 -22.03 -10.37 -29.52
C LEU B 197 -20.80 -10.76 -28.72
N PHE B 198 -20.57 -10.07 -27.62
CA PHE B 198 -19.49 -10.41 -26.71
C PHE B 198 -20.01 -11.46 -25.73
N THR B 199 -19.26 -12.55 -25.58
CA THR B 199 -19.69 -13.66 -24.73
C THR B 199 -18.57 -14.13 -23.80
N MSE B 200 -18.94 -14.82 -22.75
CA MSE B 200 -18.02 -15.52 -21.94
C MSE B 200 -18.45 -16.95 -21.97
O MSE B 200 -19.48 -17.27 -21.51
CB MSE B 200 -18.05 -15.01 -20.53
CG MSE B 200 -16.89 -15.53 -19.73
SE MSE B 200 -16.80 -14.95 -17.94
CE MSE B 200 -18.19 -15.93 -17.21
N ILE B 201 -17.62 -17.83 -22.49
CA ILE B 201 -17.91 -19.25 -22.56
C ILE B 201 -16.85 -20.05 -21.81
N ASN B 202 -17.30 -21.00 -21.00
CA ASN B 202 -16.39 -21.91 -20.33
C ASN B 202 -16.46 -23.30 -20.96
N ALA B 203 -15.33 -23.78 -21.48
CA ALA B 203 -15.26 -25.09 -22.12
C ALA B 203 -15.61 -26.23 -21.16
N ALA B 204 -15.52 -25.96 -19.86
CA ALA B 204 -15.90 -26.94 -18.84
C ALA B 204 -17.41 -27.18 -18.84
N ASP B 205 -18.17 -26.10 -18.95
CA ASP B 205 -19.62 -26.15 -18.91
C ASP B 205 -20.23 -25.35 -20.07
N THR B 206 -20.66 -26.05 -21.12
CA THR B 206 -21.20 -25.38 -22.30
C THR B 206 -22.73 -25.33 -22.32
N SER B 207 -23.36 -25.88 -21.29
CA SER B 207 -24.82 -25.89 -21.20
C SER B 207 -25.37 -24.48 -20.97
N LYS B 208 -24.57 -23.65 -20.30
CA LYS B 208 -24.93 -22.26 -20.05
C LYS B 208 -23.73 -21.35 -20.34
N PHE B 209 -24.01 -20.15 -20.84
CA PHE B 209 -22.96 -19.14 -21.05
C PHE B 209 -23.48 -17.71 -20.90
N TRP B 210 -22.56 -16.75 -20.84
CA TRP B 210 -22.92 -15.36 -20.62
C TRP B 210 -22.90 -14.55 -21.89
N ILE B 211 -23.86 -13.63 -22.00
CA ILE B 211 -23.88 -12.63 -23.07
C ILE B 211 -23.79 -11.24 -22.44
N TYR B 212 -22.87 -10.42 -22.94
CA TYR B 212 -22.76 -9.05 -22.49
C TYR B 212 -23.72 -8.15 -23.25
N THR B 213 -24.36 -7.24 -22.53
CA THR B 213 -25.37 -6.36 -23.11
C THR B 213 -24.76 -5.05 -23.61
N SER B 214 -25.60 -4.20 -24.17
CA SER B 214 -25.17 -2.90 -24.69
C SER B 214 -24.66 -1.99 -23.59
N LYS B 215 -25.11 -2.24 -22.36
CA LYS B 215 -24.75 -1.42 -21.21
C LYS B 215 -23.39 -1.81 -20.63
N ASP B 216 -22.74 -2.79 -21.26
CA ASP B 216 -21.44 -3.24 -20.83
C ASP B 216 -20.34 -2.59 -21.68
N PRO B 217 -19.26 -2.12 -21.02
CA PRO B 217 -18.14 -1.44 -21.68
C PRO B 217 -17.51 -2.22 -22.82
N ARG B 218 -17.28 -3.52 -22.63
CA ARG B 218 -16.56 -4.32 -23.62
C ARG B 218 -17.41 -4.63 -24.86
N ALA B 219 -18.72 -4.74 -24.68
CA ALA B 219 -19.62 -4.97 -25.80
C ALA B 219 -19.82 -3.68 -26.59
N ASN B 220 -20.08 -2.59 -25.89
CA ASN B 220 -20.33 -1.29 -26.50
C ASN B 220 -19.12 -0.72 -27.26
N TYR B 221 -17.92 -1.02 -26.75
CA TYR B 221 -16.68 -0.64 -27.41
C TYR B 221 -16.63 -1.15 -28.85
N LEU B 222 -17.28 -2.29 -29.10
CA LEU B 222 -17.33 -2.88 -30.44
C LEU B 222 -18.11 -2.03 -31.44
N THR B 223 -19.03 -1.20 -30.93
CA THR B 223 -19.76 -0.27 -31.78
C THR B 223 -18.88 0.92 -32.17
N ASP B 224 -17.98 1.31 -31.27
CA ASP B 224 -17.01 2.37 -31.54
C ASP B 224 -16.04 1.96 -32.65
N LEU B 225 -15.90 0.66 -32.85
CA LEU B 225 -14.96 0.15 -33.85
C LEU B 225 -15.61 -0.03 -35.21
N GLY B 226 -16.94 -0.01 -35.25
CA GLY B 226 -17.67 -0.15 -36.51
C GLY B 226 -18.65 -1.31 -36.52
N LEU B 227 -18.54 -2.18 -35.53
CA LEU B 227 -19.45 -3.31 -35.38
C LEU B 227 -20.80 -2.85 -34.82
N VAL B 228 -21.82 -3.68 -34.96
CA VAL B 228 -23.15 -3.38 -34.41
C VAL B 228 -23.70 -4.57 -33.63
N PHE B 229 -24.80 -4.35 -32.92
CA PHE B 229 -25.48 -5.43 -32.21
C PHE B 229 -26.67 -5.92 -33.03
N PRO B 230 -26.98 -7.23 -32.93
CA PRO B 230 -28.15 -7.78 -33.60
C PRO B 230 -29.45 -7.42 -32.89
N GLU B 231 -30.57 -7.88 -33.43
CA GLU B 231 -31.90 -7.62 -32.87
C GLU B 231 -32.10 -8.39 -31.56
N SER B 232 -31.44 -9.52 -31.44
CA SER B 232 -31.59 -10.40 -30.30
C SER B 232 -31.04 -9.83 -29.00
N LEU B 233 -30.56 -8.62 -29.07
CA LEU B 233 -30.01 -8.05 -27.88
C LEU B 233 -30.78 -6.86 -27.40
N LYS B 234 -30.72 -6.70 -26.10
CA LYS B 234 -31.18 -5.55 -25.37
C LYS B 234 -29.92 -4.78 -25.11
N ASP B 240 -32.22 -3.87 -16.24
CA ASP B 240 -31.15 -4.07 -17.22
C ASP B 240 -29.81 -4.37 -16.53
N SER B 241 -29.08 -5.32 -17.09
CA SER B 241 -27.81 -5.74 -16.52
C SER B 241 -26.66 -5.59 -17.50
N PHE B 242 -25.43 -5.71 -17.02
CA PHE B 242 -24.29 -5.66 -17.92
C PHE B 242 -24.10 -6.99 -18.66
N ALA B 243 -24.53 -8.07 -18.01
CA ALA B 243 -24.44 -9.42 -18.59
C ALA B 243 -25.70 -10.23 -18.29
N LYS B 244 -25.97 -11.21 -19.13
CA LYS B 244 -27.14 -12.07 -18.99
C LYS B 244 -26.75 -13.54 -19.20
N GLU B 245 -27.13 -14.39 -18.26
CA GLU B 245 -26.83 -15.81 -18.34
C GLU B 245 -27.88 -16.53 -19.19
N ILE B 246 -27.44 -17.13 -20.29
CA ILE B 246 -28.32 -17.88 -21.18
C ILE B 246 -27.91 -19.35 -21.25
N SER B 247 -28.84 -20.21 -21.64
CA SER B 247 -28.56 -21.63 -21.77
C SER B 247 -28.45 -22.05 -23.23
N ALA B 248 -27.67 -23.11 -23.47
CA ALA B 248 -27.38 -23.57 -24.83
C ALA B 248 -28.64 -23.94 -25.63
N GLU B 249 -29.69 -24.30 -24.95
CA GLU B 249 -30.97 -24.56 -25.55
C GLU B 249 -31.55 -23.31 -26.19
N GLU B 250 -31.46 -22.22 -25.47
CA GLU B 250 -31.99 -20.93 -25.93
C GLU B 250 -31.02 -20.28 -26.93
N ALA B 251 -29.91 -20.97 -27.20
CA ALA B 251 -28.81 -20.41 -28.00
C ALA B 251 -29.18 -20.06 -29.44
N ASN B 252 -30.29 -20.60 -29.93
CA ASN B 252 -30.75 -20.29 -31.29
C ASN B 252 -31.28 -18.85 -31.42
N LYS B 253 -31.64 -18.25 -30.30
CA LYS B 253 -32.14 -16.87 -30.28
C LYS B 253 -31.08 -15.86 -30.74
N ILE B 254 -29.81 -16.20 -30.51
CA ILE B 254 -28.71 -15.32 -30.94
C ILE B 254 -28.01 -15.84 -32.20
N ASN B 255 -28.81 -16.41 -33.11
CA ASN B 255 -28.28 -17.00 -34.34
C ASN B 255 -28.13 -15.97 -35.45
N ASP B 256 -28.54 -14.73 -35.18
CA ASP B 256 -28.48 -13.65 -36.16
C ASP B 256 -27.14 -12.90 -36.14
N ALA B 257 -26.29 -13.26 -35.19
CA ALA B 257 -24.97 -12.63 -35.07
C ALA B 257 -24.01 -13.15 -36.13
N ASP B 258 -23.20 -12.25 -36.68
CA ASP B 258 -22.20 -12.61 -37.69
C ASP B 258 -20.90 -13.06 -37.05
N VAL B 259 -20.50 -12.36 -36.00
CA VAL B 259 -19.22 -12.62 -35.33
C VAL B 259 -19.41 -12.72 -33.82
N ILE B 260 -18.73 -13.69 -33.21
CA ILE B 260 -18.80 -13.91 -31.77
C ILE B 260 -17.43 -13.64 -31.16
N ILE B 261 -17.42 -13.00 -29.99
CA ILE B 261 -16.18 -12.76 -29.26
C ILE B 261 -16.29 -13.37 -27.86
N THR B 262 -15.25 -14.08 -27.46
CA THR B 262 -15.21 -14.70 -26.14
C THR B 262 -13.78 -14.78 -25.65
N TYR B 263 -13.61 -14.93 -24.33
CA TYR B 263 -12.32 -15.21 -23.74
C TYR B 263 -12.04 -16.70 -23.90
N GLY B 264 -10.78 -17.05 -24.15
CA GLY B 264 -10.41 -18.45 -24.29
C GLY B 264 -8.95 -18.72 -24.63
N ASP B 265 -8.71 -19.82 -25.32
CA ASP B 265 -7.36 -20.20 -25.73
C ASP B 265 -7.35 -20.79 -27.13
N ASP B 266 -6.26 -21.47 -27.49
CA ASP B 266 -6.10 -22.03 -28.83
C ASP B 266 -6.97 -23.26 -29.12
N LYS B 267 -7.70 -23.71 -28.11
CA LYS B 267 -8.61 -24.84 -28.27
C LYS B 267 -10.08 -24.41 -28.32
N THR B 268 -10.33 -23.13 -28.05
CA THR B 268 -11.69 -22.58 -27.90
C THR B 268 -12.60 -22.83 -29.12
N LEU B 269 -12.20 -22.29 -30.27
CA LEU B 269 -13.02 -22.41 -31.49
C LEU B 269 -13.29 -23.86 -31.88
N GLU B 270 -12.23 -24.68 -31.89
CA GLU B 270 -12.35 -26.10 -32.20
C GLU B 270 -13.29 -26.81 -31.22
N ALA B 271 -13.23 -26.38 -29.96
CA ALA B 271 -14.12 -26.90 -28.92
C ALA B 271 -15.58 -26.55 -29.19
N LEU B 272 -15.85 -25.27 -29.44
CA LEU B 272 -17.21 -24.78 -29.64
C LEU B 272 -17.85 -25.33 -30.91
N GLN B 273 -17.03 -25.62 -31.91
CA GLN B 273 -17.52 -26.20 -33.16
C GLN B 273 -17.99 -27.65 -33.00
N LYS B 274 -17.30 -28.42 -32.15
CA LYS B 274 -17.64 -29.82 -31.95
C LYS B 274 -18.72 -30.02 -30.88
N ASP B 275 -19.18 -28.91 -30.29
CA ASP B 275 -20.25 -28.96 -29.30
C ASP B 275 -21.59 -29.24 -29.95
N PRO B 276 -22.37 -30.20 -29.39
CA PRO B 276 -23.65 -30.62 -29.95
C PRO B 276 -24.65 -29.49 -30.19
N LEU B 277 -24.61 -28.45 -29.36
CA LEU B 277 -25.55 -27.33 -29.50
C LEU B 277 -24.88 -26.03 -29.94
N LEU B 278 -23.72 -25.73 -29.37
CA LEU B 278 -23.01 -24.49 -29.70
C LEU B 278 -22.40 -24.54 -31.10
N GLY B 279 -22.09 -25.74 -31.58
CA GLY B 279 -21.57 -25.94 -32.92
C GLY B 279 -22.59 -25.65 -34.00
N LYS B 280 -23.86 -25.53 -33.62
CA LYS B 280 -24.94 -25.28 -34.56
C LYS B 280 -25.28 -23.80 -34.68
N ILE B 281 -24.64 -22.98 -33.85
CA ILE B 281 -24.76 -21.52 -33.95
C ILE B 281 -23.99 -21.02 -35.17
N ASN B 282 -24.63 -20.15 -35.96
CA ASN B 282 -24.06 -19.60 -37.18
C ASN B 282 -22.58 -19.22 -37.12
N ALA B 283 -22.24 -18.25 -36.26
CA ALA B 283 -20.90 -17.69 -36.20
C ALA B 283 -19.85 -18.72 -35.81
N ILE B 284 -20.19 -19.59 -34.87
CA ILE B 284 -19.30 -20.64 -34.42
C ILE B 284 -19.07 -21.68 -35.53
N LYS B 285 -20.16 -22.09 -36.18
CA LYS B 285 -20.08 -23.03 -37.30
C LYS B 285 -19.22 -22.50 -38.45
N ASN B 286 -19.37 -21.21 -38.73
CA ASN B 286 -18.59 -20.55 -39.79
C ASN B 286 -17.15 -20.31 -39.36
N GLY B 287 -16.89 -20.39 -38.05
CA GLY B 287 -15.56 -20.12 -37.53
C GLY B 287 -15.31 -18.64 -37.34
N ALA B 288 -16.39 -17.86 -37.31
CA ALA B 288 -16.30 -16.42 -37.08
C ALA B 288 -16.34 -16.15 -35.58
N VAL B 289 -15.36 -16.70 -34.86
CA VAL B 289 -15.23 -16.49 -33.44
C VAL B 289 -13.89 -15.86 -33.13
N ALA B 290 -13.92 -14.66 -32.56
CA ALA B 290 -12.71 -13.99 -32.12
C ALA B 290 -12.41 -14.41 -30.69
N VAL B 291 -11.31 -15.14 -30.52
CA VAL B 291 -10.94 -15.65 -29.21
C VAL B 291 -9.87 -14.76 -28.58
N ILE B 292 -10.25 -14.04 -27.53
CA ILE B 292 -9.31 -13.23 -26.77
C ILE B 292 -8.61 -14.12 -25.75
N PRO B 293 -7.27 -14.24 -25.87
CA PRO B 293 -6.49 -15.10 -24.98
C PRO B 293 -6.74 -14.76 -23.51
N ASP B 294 -7.21 -15.73 -22.74
CA ASP B 294 -7.51 -15.52 -21.33
C ASP B 294 -6.24 -15.26 -20.52
N ASN B 295 -6.34 -14.33 -19.57
CA ASN B 295 -5.19 -13.94 -18.72
C ASN B 295 -4.01 -13.32 -19.46
N THR B 296 -4.31 -12.43 -20.40
CA THR B 296 -3.29 -11.66 -21.11
C THR B 296 -3.63 -10.17 -21.02
N PRO B 297 -2.67 -9.29 -21.34
CA PRO B 297 -2.98 -7.86 -21.38
C PRO B 297 -4.15 -7.56 -22.33
N LEU B 298 -4.09 -8.13 -23.53
CA LEU B 298 -5.14 -7.95 -24.53
C LEU B 298 -6.53 -8.31 -23.97
N ALA B 299 -6.57 -9.29 -23.08
CA ALA B 299 -7.83 -9.74 -22.46
C ALA B 299 -8.41 -8.66 -21.54
N ALA B 300 -7.54 -7.99 -20.79
CA ALA B 300 -7.96 -6.94 -19.87
C ALA B 300 -8.38 -5.67 -20.60
N SER B 301 -7.78 -5.43 -21.76
CA SER B 301 -8.04 -4.22 -22.53
C SER B 301 -9.41 -4.22 -23.22
N CYS B 302 -10.05 -5.38 -23.27
CA CYS B 302 -11.37 -5.50 -23.88
C CYS B 302 -12.38 -4.58 -23.19
N THR B 303 -12.23 -4.43 -21.88
CA THR B 303 -12.93 -3.38 -21.15
C THR B 303 -12.05 -2.13 -21.21
N PRO B 304 -12.27 -1.30 -22.25
CA PRO B 304 -11.31 -0.30 -22.72
C PRO B 304 -11.10 0.91 -21.82
N THR B 305 -9.88 1.46 -21.87
CA THR B 305 -9.55 2.73 -21.25
C THR B 305 -8.79 3.55 -22.29
N PRO B 306 -8.70 4.88 -22.10
CA PRO B 306 -7.96 5.70 -23.07
C PRO B 306 -6.55 5.15 -23.31
N LEU B 307 -5.90 4.67 -22.25
CA LEU B 307 -4.55 4.15 -22.34
C LEU B 307 -4.50 2.78 -23.04
N SER B 308 -5.38 1.88 -22.62
CA SER B 308 -5.43 0.54 -23.21
C SER B 308 -5.73 0.61 -24.70
N ILE B 309 -6.75 1.39 -25.08
CA ILE B 309 -7.10 1.62 -26.48
C ILE B 309 -5.88 2.05 -27.28
N ASN B 310 -5.21 3.10 -26.82
CA ASN B 310 -4.00 3.61 -27.46
C ASN B 310 -2.92 2.55 -27.61
N TYR B 311 -2.90 1.60 -26.69
CA TYR B 311 -1.86 0.59 -26.63
C TYR B 311 -2.20 -0.66 -27.45
N THR B 312 -3.47 -1.07 -27.41
CA THR B 312 -3.85 -2.38 -27.92
C THR B 312 -4.76 -2.39 -29.15
N ILE B 313 -5.19 -1.21 -29.61
CA ILE B 313 -6.17 -1.14 -30.70
C ILE B 313 -5.77 -1.88 -31.99
N GLU B 314 -4.53 -1.72 -32.43
CA GLU B 314 -4.08 -2.42 -33.64
C GLU B 314 -4.13 -3.94 -33.47
N GLU B 315 -3.64 -4.41 -32.33
CA GLU B 315 -3.65 -5.84 -32.01
C GLU B 315 -5.08 -6.38 -31.91
N TYR B 316 -6.00 -5.53 -31.47
CA TYR B 316 -7.40 -5.94 -31.29
C TYR B 316 -8.18 -5.93 -32.60
N LEU B 317 -7.91 -4.95 -33.46
CA LEU B 317 -8.53 -4.89 -34.79
C LEU B 317 -8.05 -6.03 -35.67
N ASN B 318 -6.79 -6.42 -35.52
CA ASN B 318 -6.20 -7.51 -36.29
C ASN B 318 -6.89 -8.83 -35.98
N LEU B 319 -7.22 -9.03 -34.70
CA LEU B 319 -7.91 -10.22 -34.24
C LEU B 319 -9.37 -10.25 -34.69
N LEU B 320 -10.03 -9.09 -34.64
CA LEU B 320 -11.41 -8.96 -35.08
C LEU B 320 -11.52 -9.09 -36.60
N GLY B 321 -10.60 -8.44 -37.30
CA GLY B 321 -10.54 -8.46 -38.76
C GLY B 321 -10.39 -9.86 -39.31
N ASN B 322 -9.44 -10.62 -38.75
CA ASN B 322 -9.23 -12.00 -39.17
C ASN B 322 -10.41 -12.91 -38.86
N ALA B 323 -11.11 -12.62 -37.77
CA ALA B 323 -12.31 -13.39 -37.40
C ALA B 323 -13.51 -13.05 -38.29
N CYS B 324 -13.63 -11.77 -38.66
CA CYS B 324 -14.72 -11.31 -39.52
C CYS B 324 -14.56 -11.77 -40.96
N LYS B 325 -13.42 -12.41 -41.25
CA LYS B 325 -13.19 -13.01 -42.57
C LYS B 325 -13.99 -14.29 -42.74
N ASN B 326 -14.45 -14.86 -41.63
CA ASN B 326 -15.22 -16.09 -41.63
C ASN B 326 -16.73 -15.85 -41.58
N ALA B 327 -17.13 -14.58 -41.52
CA ALA B 327 -18.55 -14.22 -41.47
C ALA B 327 -19.17 -14.22 -42.87
CD CD C . 10.96 -5.81 24.89
CD CD D . 22.49 20.78 41.10
CD CD E . 4.94 12.39 17.79
CD CD F . 10.14 16.87 10.72
CD CD G . 26.09 6.80 3.86
CD CD H . 30.17 12.09 16.19
CD CD I . 22.10 -1.36 -9.77
CD CD J . 27.13 -2.96 13.81
CD CD K . 20.44 24.92 37.63
CD CD L . 28.96 0.05 37.76
CD CD M . 9.88 23.88 19.11
CD CD N . 17.82 27.05 23.22
CD CD O . 0.41 1.19 38.92
CD CD P . 6.50 -0.52 45.48
CD CD Q . 17.74 -19.41 16.96
O1 PG4 R . 16.90 -25.47 13.35
C1 PG4 R . 15.99 -26.26 14.08
C2 PG4 R . 15.29 -25.33 15.02
O2 PG4 R . 14.27 -24.66 14.32
C3 PG4 R . 13.10 -24.68 15.10
C4 PG4 R . 11.93 -24.01 14.44
O3 PG4 R . 11.17 -24.98 13.76
C5 PG4 R . 9.81 -25.03 14.18
C6 PG4 R . 9.40 -26.48 14.26
O4 PG4 R . 9.44 -27.24 13.08
C7 PG4 R . 10.02 -28.54 13.26
C8 PG4 R . 10.11 -29.45 12.03
O5 PG4 R . 11.38 -30.08 11.91
C1 GOL S . 16.27 25.48 12.79
O1 GOL S . 16.39 26.62 13.62
C2 GOL S . 17.57 25.28 12.02
O2 GOL S . 17.68 26.28 11.02
C3 GOL S . 17.57 23.91 11.35
O3 GOL S . 16.72 23.95 10.21
C1 EDO T . -6.14 -8.38 5.69
O1 EDO T . -5.73 -8.48 4.32
C2 EDO T . -5.40 -9.40 6.54
O2 EDO T . -5.19 -10.58 5.76
C1 EDO U . 12.26 26.62 26.21
O1 EDO U . 12.45 25.26 26.62
C2 EDO U . 11.06 27.19 26.94
O2 EDO U . 9.95 26.31 26.71
CD CD V . -5.06 15.85 1.01
CD CD W . -22.57 7.90 -22.42
CD CD X . -17.69 12.05 -29.48
CD CD Y . -1.58 1.94 -35.76
CD CD Z . 2.28 7.54 -23.97
CD CD AA . -4.91 -6.07 -49.68
CD CD BA . -0.52 -7.77 -26.31
CD CD CA . -7.31 20.86 -2.44
CD CD DA . 1.01 -4.64 -2.05
CD CD EA . -18.03 19.03 -20.76
CD CD FA . -10.00 22.30 -16.76
CD CD GA . -20.82 -5.29 5.90
CD CD HA . -6.53 21.05 -22.85
CD CD IA . -7.10 11.31 -42.10
CD CD JA . 7.23 -3.97 -16.58
CD CD KA . -10.26 -23.95 -23.26
O1 PG4 LA . -12.63 -29.59 -25.17
C1 PG4 LA . -13.73 -29.17 -25.96
C2 PG4 LA . -15.03 -28.94 -25.21
O2 PG4 LA . -16.12 -29.27 -26.07
C3 PG4 LA . -17.37 -29.07 -25.49
C4 PG4 LA . -18.36 -30.05 -26.07
O3 PG4 LA . -17.76 -31.18 -26.65
C5 PG4 LA . -18.69 -32.09 -27.15
C6 PG4 LA . -18.15 -33.51 -27.11
O4 PG4 LA . -17.49 -34.03 -28.26
C7 PG4 LA . -16.13 -34.23 -28.01
C8 PG4 LA . -15.69 -35.33 -28.91
O5 PG4 LA . -14.39 -35.08 -29.48
#